data_9GTJ
#
_entry.id   9GTJ
#
_cell.length_a   127.460
_cell.length_b   45.971
_cell.length_c   90.156
_cell.angle_alpha   90.00
_cell.angle_beta   129.30
_cell.angle_gamma   90.00
#
_symmetry.space_group_name_H-M   'C 1 2 1'
#
loop_
_entity.id
_entity.type
_entity.pdbx_description
1 polymer 'Chlorite dismutase'
2 non-polymer 'PROTOPORPHYRIN IX CONTAINING FE'
3 non-polymer IMIDAZOLE
4 non-polymer 'SODIUM ION'
5 non-polymer 'CHLORIDE ION'
6 water water
#
_entity_poly.entity_id   1
_entity_poly.type   'polypeptide(L)'
_entity_poly.pdbx_seq_one_letter_code
;MNTRVFTFAGGETGVWRVVAMNAVAGAPLPGIPRLNVAAGSVSPQPPGTKWLLRGITSNERYVVREEKDRLVAKQPSLGR
AEATCAALIPIRKNPSWWGLSQDERRKIFEEQSRHIHIGLQYLPAVARRLHHCRDLGENEPFDFLTWFEYSPSDETAFNR
LLAELRASVEWQYVDREIDIRLVHEPAHHHHHH
;
_entity_poly.pdbx_strand_id   A,B
#
# COMPACT_ATOMS: atom_id res chain seq x y z
N MET A 1 5.40 9.04 16.28
CA MET A 1 5.15 7.68 15.73
C MET A 1 3.99 7.77 14.75
N ASN A 2 3.93 6.79 13.86
CA ASN A 2 2.85 6.64 12.94
C ASN A 2 1.77 5.81 13.64
N THR A 3 0.51 6.31 13.66
CA THR A 3 -0.61 5.61 14.29
C THR A 3 -1.13 4.42 13.47
N ARG A 4 -0.50 4.10 12.37
CA ARG A 4 -0.97 3.08 11.44
C ARG A 4 -0.17 1.78 11.53
N VAL A 5 1.05 1.82 12.04
CA VAL A 5 1.92 0.66 12.06
C VAL A 5 1.76 -0.06 13.40
N PHE A 6 1.64 -1.38 13.33
CA PHE A 6 1.55 -2.24 14.50
C PHE A 6 2.46 -3.45 14.32
N THR A 7 2.98 -3.91 15.46
CA THR A 7 3.72 -5.15 15.53
C THR A 7 3.01 -6.10 16.45
N PHE A 8 2.76 -7.31 15.94
CA PHE A 8 2.20 -8.40 16.69
C PHE A 8 3.36 -9.29 17.13
N ALA A 9 3.63 -9.29 18.45
CA ALA A 9 4.80 -9.97 19.01
C ALA A 9 4.32 -11.23 19.70
N GLY A 10 4.64 -12.39 19.11
CA GLY A 10 4.28 -13.67 19.69
C GLY A 10 5.39 -14.14 20.63
N GLY A 11 5.04 -14.42 21.87
CA GLY A 11 6.10 -14.71 22.83
C GLY A 11 5.52 -14.85 24.22
N GLU A 12 6.33 -14.48 25.21
CA GLU A 12 6.00 -14.76 26.59
C GLU A 12 5.28 -13.57 27.25
N THR A 13 5.12 -12.45 26.54
CA THR A 13 4.60 -11.22 27.11
C THR A 13 3.38 -10.73 26.33
N GLY A 14 2.43 -10.11 27.04
CA GLY A 14 1.36 -9.35 26.43
C GLY A 14 0.03 -9.57 27.13
N VAL A 15 -0.95 -8.73 26.81
CA VAL A 15 -2.23 -8.81 27.49
C VAL A 15 -3.10 -9.94 26.96
N TRP A 16 -2.70 -10.55 25.84
CA TRP A 16 -3.49 -11.59 25.22
C TRP A 16 -2.85 -12.95 25.51
N ARG A 17 -3.66 -13.85 26.05
CA ARG A 17 -3.26 -15.24 26.23
C ARG A 17 -3.66 -16.03 25.00
N VAL A 18 -2.73 -16.78 24.42
CA VAL A 18 -3.03 -17.61 23.29
C VAL A 18 -3.72 -18.89 23.73
N VAL A 19 -4.89 -19.17 23.16
CA VAL A 19 -5.63 -20.39 23.47
C VAL A 19 -5.60 -21.38 22.32
N ALA A 20 -5.35 -20.98 21.09
CA ALA A 20 -5.29 -21.91 19.98
C ALA A 20 -4.49 -21.29 18.86
N MET A 21 -3.80 -22.13 18.08
CA MET A 21 -3.18 -21.72 16.83
C MET A 21 -3.51 -22.76 15.77
N ASN A 22 -4.41 -22.38 14.85
CA ASN A 22 -5.00 -23.25 13.86
C ASN A 22 -4.23 -23.05 12.54
N ALA A 23 -3.60 -24.11 12.06
CA ALA A 23 -2.84 -24.05 10.84
C ALA A 23 -3.78 -24.25 9.64
N VAL A 24 -4.51 -23.25 9.18
CA VAL A 24 -5.60 -23.42 8.23
C VAL A 24 -5.11 -23.76 6.82
N ALA A 25 -4.12 -23.02 6.34
CA ALA A 25 -3.53 -23.27 5.03
C ALA A 25 -2.04 -22.99 5.13
N GLY A 26 -1.22 -23.92 4.65
CA GLY A 26 0.20 -23.71 4.67
C GLY A 26 0.79 -23.86 6.05
N ALA A 27 2.07 -23.52 6.17
CA ALA A 27 2.78 -23.82 7.40
C ALA A 27 2.37 -22.88 8.52
N PRO A 28 2.27 -23.39 9.75
CA PRO A 28 1.97 -22.50 10.88
C PRO A 28 3.22 -21.79 11.36
N LEU A 29 3.01 -20.90 12.32
CA LEU A 29 4.04 -20.18 13.02
C LEU A 29 4.39 -20.97 14.27
N PRO A 30 5.61 -20.76 14.81
CA PRO A 30 5.95 -21.37 16.09
C PRO A 30 4.92 -21.06 17.17
N GLY A 31 4.63 -22.06 17.99
CA GLY A 31 3.72 -21.89 19.10
C GLY A 31 4.22 -20.86 20.10
N ILE A 32 3.25 -20.11 20.63
CA ILE A 32 3.45 -19.00 21.52
C ILE A 32 2.45 -19.04 22.64
N PRO A 33 2.82 -18.62 23.87
CA PRO A 33 1.81 -18.55 24.94
C PRO A 33 1.05 -17.23 25.03
N ARG A 34 1.63 -16.13 24.54
CA ARG A 34 1.01 -14.82 24.66
C ARG A 34 1.29 -13.99 23.42
N LEU A 35 0.51 -12.92 23.29
CA LEU A 35 0.64 -11.98 22.19
C LEU A 35 0.58 -10.55 22.73
N ASN A 36 1.52 -9.72 22.25
CA ASN A 36 1.54 -8.29 22.52
C ASN A 36 1.29 -7.55 21.20
N VAL A 37 0.35 -6.60 21.19
CA VAL A 37 0.10 -5.77 20.02
C VAL A 37 0.70 -4.39 20.30
N ALA A 38 1.89 -4.16 19.75
CA ALA A 38 2.63 -2.95 20.03
C ALA A 38 2.39 -1.91 18.92
N ALA A 39 2.34 -0.64 19.33
CA ALA A 39 2.40 0.44 18.38
C ALA A 39 3.78 0.49 17.75
N GLY A 40 3.82 0.74 16.43
CA GLY A 40 5.06 0.95 15.74
C GLY A 40 5.83 -0.33 15.46
N SER A 41 7.12 -0.14 15.22
CA SER A 41 8.03 -1.20 14.85
C SER A 41 8.82 -1.57 16.10
N VAL A 42 9.09 -2.85 16.30
CA VAL A 42 9.76 -3.31 17.50
C VAL A 42 11.15 -3.81 17.15
N SER A 43 12.15 -3.26 17.86
CA SER A 43 13.53 -3.69 17.76
C SER A 43 14.29 -3.20 18.98
N PRO A 44 15.13 -4.03 19.65
CA PRO A 44 15.32 -5.45 19.31
C PRO A 44 14.11 -6.27 19.74
N GLN A 45 14.14 -7.57 19.43
CA GLN A 45 13.07 -8.42 19.92
C GLN A 45 13.07 -8.45 21.46
N PRO A 46 11.93 -8.17 22.15
CA PRO A 46 11.91 -8.27 23.62
C PRO A 46 12.26 -9.68 24.08
N PRO A 47 12.90 -9.82 25.24
CA PRO A 47 13.11 -11.16 25.80
C PRO A 47 11.82 -11.97 25.84
N GLY A 48 11.95 -13.20 25.38
CA GLY A 48 10.83 -14.15 25.36
C GLY A 48 10.05 -14.23 24.04
N THR A 49 10.41 -13.38 23.07
CA THR A 49 9.71 -13.32 21.80
C THR A 49 10.13 -14.47 20.92
N LYS A 50 9.19 -15.10 20.24
CA LYS A 50 9.50 -16.04 19.18
C LYS A 50 9.42 -15.44 17.79
N TRP A 51 8.49 -14.52 17.54
CA TRP A 51 8.37 -13.91 16.23
C TRP A 51 7.66 -12.57 16.35
N LEU A 52 7.89 -11.74 15.33
CA LEU A 52 7.27 -10.44 15.17
C LEU A 52 6.59 -10.41 13.82
N LEU A 53 5.34 -9.95 13.75
CA LEU A 53 4.67 -9.69 12.47
C LEU A 53 4.26 -8.22 12.47
N ARG A 54 4.66 -7.50 11.45
CA ARG A 54 4.35 -6.08 11.32
C ARG A 54 3.39 -5.85 10.17
N GLY A 55 2.49 -4.90 10.36
CA GLY A 55 1.59 -4.49 9.28
C GLY A 55 1.15 -3.05 9.50
N ILE A 56 0.51 -2.50 8.47
CA ILE A 56 0.10 -1.09 8.51
C ILE A 56 -1.35 -0.98 8.06
N THR A 57 -2.14 -0.21 8.81
CA THR A 57 -3.48 0.12 8.33
C THR A 57 -3.34 1.05 7.14
N SER A 58 -4.31 1.01 6.20
CA SER A 58 -4.14 1.73 4.96
C SER A 58 -5.49 2.17 4.42
N ASN A 59 -5.43 2.84 3.26
CA ASN A 59 -6.66 3.27 2.60
C ASN A 59 -7.40 2.07 2.03
N GLU A 60 -8.69 2.30 1.78
CA GLU A 60 -9.53 1.30 1.15
C GLU A 60 -9.06 1.03 -0.27
N ARG A 61 -9.13 -0.26 -0.63
CA ARG A 61 -8.73 -0.75 -1.93
C ARG A 61 -9.91 -1.19 -2.79
N TYR A 62 -11.05 -1.45 -2.15
CA TYR A 62 -12.20 -2.05 -2.84
C TYR A 62 -13.53 -1.41 -2.47
N VAL A 63 -13.72 -1.04 -1.21
CA VAL A 63 -15.04 -0.68 -0.75
CA VAL A 63 -14.97 -0.54 -0.62
C VAL A 63 -15.49 0.62 -1.45
N VAL A 64 -16.77 0.61 -1.81
CA VAL A 64 -17.42 1.78 -2.40
C VAL A 64 -18.22 2.53 -1.35
N ARG A 65 -18.57 3.78 -1.65
CA ARG A 65 -19.20 4.66 -0.66
C ARG A 65 -20.44 4.02 -0.04
N GLU A 66 -21.30 3.40 -0.84
CA GLU A 66 -22.53 2.86 -0.28
C GLU A 66 -22.21 1.77 0.76
N GLU A 67 -21.18 0.96 0.48
CA GLU A 67 -20.75 -0.07 1.40
C GLU A 67 -20.13 0.55 2.64
N LYS A 68 -19.27 1.54 2.45
CA LYS A 68 -18.61 2.21 3.56
CA LYS A 68 -18.61 2.22 3.54
C LYS A 68 -19.64 2.79 4.52
N ASP A 69 -20.67 3.42 4.00
CA ASP A 69 -21.64 4.03 4.91
C ASP A 69 -22.34 2.96 5.75
N ARG A 70 -22.60 1.78 5.18
CA ARG A 70 -23.16 0.69 5.95
C ARG A 70 -22.22 0.21 7.04
N LEU A 71 -20.96 0.03 6.67
CA LEU A 71 -19.95 -0.42 7.61
C LEU A 71 -19.78 0.57 8.77
N VAL A 72 -19.66 1.86 8.45
CA VAL A 72 -19.42 2.86 9.49
C VAL A 72 -20.56 2.82 10.50
N ALA A 73 -21.81 2.71 10.03
CA ALA A 73 -22.95 2.74 10.92
C ALA A 73 -22.96 1.49 11.82
N LYS A 74 -22.59 0.32 11.28
CA LYS A 74 -22.87 -0.93 11.96
C LYS A 74 -21.69 -1.48 12.77
N GLN A 75 -20.47 -1.09 12.39
CA GLN A 75 -19.31 -1.74 12.97
C GLN A 75 -19.08 -1.27 14.39
N PRO A 76 -18.61 -2.16 15.28
CA PRO A 76 -18.33 -1.77 16.65
C PRO A 76 -16.94 -1.20 16.79
N SER A 77 -16.72 -0.49 17.89
CA SER A 77 -15.39 -0.04 18.31
C SER A 77 -14.47 -1.22 18.63
N LEU A 78 -13.18 -1.05 18.34
CA LEU A 78 -12.13 -1.87 18.94
C LEU A 78 -12.00 -1.52 20.42
N GLY A 79 -11.59 -2.49 21.26
CA GLY A 79 -11.32 -2.26 22.68
C GLY A 79 -12.54 -2.34 23.59
N ARG A 80 -13.67 -2.90 23.12
CA ARG A 80 -14.84 -3.02 24.00
C ARG A 80 -14.52 -3.93 25.18
N ALA A 81 -15.03 -3.57 26.37
CA ALA A 81 -14.70 -4.32 27.58
C ALA A 81 -15.20 -5.77 27.50
N GLU A 82 -16.36 -6.00 26.89
CA GLU A 82 -16.94 -7.33 26.85
C GLU A 82 -16.31 -8.19 25.76
N ALA A 83 -15.52 -7.58 24.86
CA ALA A 83 -14.98 -8.34 23.73
C ALA A 83 -13.62 -8.89 24.11
N THR A 84 -13.64 -9.90 24.98
CA THR A 84 -12.42 -10.43 25.59
C THR A 84 -11.76 -11.52 24.73
N CYS A 85 -12.46 -12.02 23.69
CA CYS A 85 -11.82 -12.88 22.72
C CYS A 85 -11.23 -12.04 21.60
N ALA A 86 -10.13 -12.52 21.03
CA ALA A 86 -9.60 -11.93 19.83
C ALA A 86 -9.08 -13.05 18.94
N ALA A 87 -8.91 -12.69 17.67
CA ALA A 87 -8.28 -13.58 16.70
C ALA A 87 -7.30 -12.75 15.87
N LEU A 88 -6.12 -13.31 15.67
CA LEU A 88 -5.13 -12.79 14.74
C LEU A 88 -5.01 -13.79 13.62
N ILE A 89 -5.31 -13.34 12.38
CA ILE A 89 -5.37 -14.25 11.23
C ILE A 89 -4.48 -13.64 10.14
N PRO A 90 -3.21 -14.06 10.10
CA PRO A 90 -2.32 -13.70 9.00
C PRO A 90 -2.73 -14.46 7.74
N ILE A 91 -2.72 -13.75 6.60
CA ILE A 91 -3.17 -14.28 5.33
C ILE A 91 -2.17 -13.89 4.24
N ARG A 92 -1.85 -14.83 3.35
CA ARG A 92 -1.10 -14.58 2.15
C ARG A 92 -1.93 -14.95 0.93
N LYS A 93 -1.89 -14.10 -0.10
CA LYS A 93 -2.53 -14.40 -1.38
C LYS A 93 -1.47 -14.70 -2.43
N ASN A 94 -1.81 -15.49 -3.41
CA ASN A 94 -0.83 -16.04 -4.34
C ASN A 94 -0.40 -15.00 -5.37
N PRO A 95 0.69 -15.30 -6.10
CA PRO A 95 1.18 -14.30 -7.05
C PRO A 95 0.19 -13.95 -8.16
N SER A 96 -0.62 -14.93 -8.58
CA SER A 96 -1.61 -14.66 -9.60
C SER A 96 -2.55 -13.53 -9.18
N TRP A 97 -3.01 -13.57 -7.94
CA TRP A 97 -3.90 -12.54 -7.42
C TRP A 97 -3.30 -11.15 -7.64
N TRP A 98 -2.03 -10.98 -7.23
CA TRP A 98 -1.42 -9.66 -7.22
C TRP A 98 -1.21 -9.12 -8.64
N GLY A 99 -1.12 -10.01 -9.62
CA GLY A 99 -1.00 -9.58 -11.00
C GLY A 99 -2.30 -9.26 -11.72
N LEU A 100 -3.42 -9.59 -11.10
CA LEU A 100 -4.72 -9.23 -11.67
C LEU A 100 -4.92 -7.72 -11.64
N SER A 101 -5.74 -7.22 -12.57
CA SER A 101 -6.08 -5.81 -12.61
CA SER A 101 -6.11 -5.82 -12.62
C SER A 101 -7.15 -5.49 -11.55
N GLN A 102 -7.42 -4.20 -11.38
CA GLN A 102 -8.27 -3.79 -10.26
C GLN A 102 -9.70 -4.29 -10.42
N ASP A 103 -10.25 -4.20 -11.63
CA ASP A 103 -11.59 -4.67 -11.85
C ASP A 103 -11.71 -6.17 -11.59
N GLU A 104 -10.71 -6.94 -11.99
CA GLU A 104 -10.73 -8.37 -11.81
C GLU A 104 -10.77 -8.71 -10.32
N ARG A 105 -9.94 -8.04 -9.52
CA ARG A 105 -9.92 -8.30 -8.08
C ARG A 105 -11.18 -7.83 -7.39
N ARG A 106 -11.71 -6.66 -7.77
CA ARG A 106 -12.97 -6.22 -7.15
C ARG A 106 -14.10 -7.22 -7.44
N LYS A 107 -14.14 -7.71 -8.69
CA LYS A 107 -15.17 -8.68 -9.03
C LYS A 107 -15.09 -9.92 -8.14
N ILE A 108 -13.88 -10.47 -7.96
CA ILE A 108 -13.71 -11.63 -7.12
C ILE A 108 -14.10 -11.31 -5.68
N PHE A 109 -13.58 -10.20 -5.16
CA PHE A 109 -13.71 -9.86 -3.76
C PHE A 109 -15.17 -9.65 -3.35
N GLU A 110 -15.91 -8.87 -4.13
CA GLU A 110 -17.25 -8.54 -3.69
C GLU A 110 -18.32 -9.14 -4.59
N GLU A 111 -18.29 -8.91 -5.90
CA GLU A 111 -19.41 -9.36 -6.73
C GLU A 111 -19.58 -10.86 -6.66
N GLN A 112 -18.47 -11.62 -6.69
CA GLN A 112 -18.52 -13.06 -6.56
C GLN A 112 -18.53 -13.51 -5.11
N SER A 113 -17.53 -13.07 -4.34
CA SER A 113 -17.35 -13.63 -3.01
C SER A 113 -18.24 -13.02 -1.94
N ARG A 114 -18.72 -11.81 -2.18
CA ARG A 114 -19.62 -11.13 -1.25
C ARG A 114 -18.96 -10.92 0.11
N HIS A 115 -17.66 -10.60 0.15
CA HIS A 115 -16.94 -10.48 1.40
C HIS A 115 -17.62 -9.50 2.35
N ILE A 116 -17.92 -8.30 1.86
CA ILE A 116 -18.50 -7.25 2.71
C ILE A 116 -19.94 -7.60 3.10
N HIS A 117 -20.71 -8.05 2.12
CA HIS A 117 -22.06 -8.49 2.37
C HIS A 117 -22.12 -9.54 3.48
N ILE A 118 -21.22 -10.52 3.42
CA ILE A 118 -21.13 -11.55 4.44
C ILE A 118 -20.69 -10.93 5.76
N GLY A 119 -19.60 -10.16 5.75
CA GLY A 119 -19.07 -9.63 6.99
C GLY A 119 -20.08 -8.75 7.74
N LEU A 120 -20.89 -7.98 7.01
CA LEU A 120 -21.87 -7.11 7.64
C LEU A 120 -22.84 -7.91 8.50
N GLN A 121 -23.07 -9.19 8.17
CA GLN A 121 -24.01 -10.01 8.92
C GLN A 121 -23.50 -10.36 10.31
N TYR A 122 -22.21 -10.11 10.57
CA TYR A 122 -21.57 -10.45 11.83
C TYR A 122 -21.20 -9.20 12.63
N LEU A 123 -21.80 -8.07 12.26
CA LEU A 123 -21.68 -6.82 13.00
C LEU A 123 -23.02 -6.62 13.67
N PRO A 124 -23.07 -6.10 14.91
CA PRO A 124 -21.94 -5.55 15.65
C PRO A 124 -21.14 -6.55 16.50
N ALA A 125 -21.39 -7.85 16.38
CA ALA A 125 -20.66 -8.78 17.25
C ALA A 125 -19.15 -8.65 17.09
N VAL A 126 -18.67 -8.56 15.84
CA VAL A 126 -17.25 -8.71 15.58
C VAL A 126 -16.65 -7.34 15.20
N ALA A 127 -15.65 -6.92 15.98
CA ALA A 127 -14.82 -5.78 15.65
C ALA A 127 -13.62 -6.27 14.82
N ARG A 128 -13.09 -5.38 13.98
CA ARG A 128 -12.06 -5.81 13.04
C ARG A 128 -11.05 -4.70 12.76
N ARG A 129 -9.85 -5.11 12.37
CA ARG A 129 -8.84 -4.19 11.84
C ARG A 129 -7.99 -4.94 10.83
N LEU A 130 -7.82 -4.33 9.67
CA LEU A 130 -7.04 -4.84 8.57
C LEU A 130 -5.67 -4.16 8.50
N HIS A 131 -4.62 -4.96 8.46
CA HIS A 131 -3.27 -4.45 8.31
C HIS A 131 -2.66 -5.04 7.04
N HIS A 132 -1.98 -4.20 6.27
CA HIS A 132 -1.34 -4.58 5.03
C HIS A 132 0.16 -4.75 5.23
N CYS A 133 0.74 -5.77 4.61
CA CYS A 133 2.15 -6.06 4.75
C CYS A 133 2.92 -5.96 3.44
N ARG A 134 2.26 -6.08 2.28
CA ARG A 134 3.00 -6.37 1.05
C ARG A 134 3.77 -5.15 0.53
N ASP A 135 3.48 -3.96 1.05
CA ASP A 135 4.24 -2.80 0.64
C ASP A 135 5.26 -2.38 1.68
N LEU A 136 5.45 -3.18 2.72
CA LEU A 136 6.63 -3.05 3.59
C LEU A 136 7.91 -3.53 2.89
N GLY A 137 7.81 -4.53 2.00
CA GLY A 137 8.93 -5.15 1.32
C GLY A 137 8.47 -6.42 0.63
N GLU A 138 9.43 -7.08 -0.02
CA GLU A 138 9.21 -8.24 -0.86
C GLU A 138 9.24 -9.52 -0.02
N ASN A 139 9.61 -9.41 1.28
CA ASN A 139 10.04 -10.55 2.09
C ASN A 139 9.20 -10.68 3.36
N GLU A 140 7.94 -10.20 3.36
CA GLU A 140 7.09 -10.40 4.51
C GLU A 140 6.44 -11.76 4.39
N PRO A 141 6.24 -12.50 5.48
CA PRO A 141 5.68 -13.83 5.36
C PRO A 141 4.22 -13.86 4.93
N PHE A 142 3.46 -12.81 5.31
CA PHE A 142 2.06 -12.72 4.96
C PHE A 142 1.79 -11.43 4.23
N ASP A 143 0.66 -11.36 3.54
CA ASP A 143 0.23 -10.11 2.92
C ASP A 143 -0.66 -9.26 3.79
N PHE A 144 -1.42 -9.88 4.70
CA PHE A 144 -2.33 -9.17 5.57
C PHE A 144 -2.22 -9.74 6.96
N LEU A 145 -2.42 -8.87 7.96
CA LEU A 145 -2.64 -9.31 9.33
C LEU A 145 -4.03 -8.83 9.68
N THR A 146 -4.96 -9.76 9.87
CA THR A 146 -6.34 -9.40 10.20
C THR A 146 -6.55 -9.65 11.68
N TRP A 147 -7.25 -8.73 12.32
CA TRP A 147 -7.44 -8.73 13.76
C TRP A 147 -8.91 -8.56 14.07
N PHE A 148 -9.43 -9.39 14.98
CA PHE A 148 -10.84 -9.39 15.32
C PHE A 148 -11.00 -9.46 16.83
N GLU A 149 -12.08 -8.85 17.34
CA GLU A 149 -12.42 -8.92 18.77
C GLU A 149 -13.92 -9.17 18.90
N TYR A 150 -14.28 -10.02 19.88
CA TYR A 150 -15.67 -10.38 20.08
C TYR A 150 -15.82 -10.94 21.49
N SER A 151 -17.07 -10.98 21.94
CA SER A 151 -17.38 -11.63 23.20
CA SER A 151 -17.41 -11.63 23.20
C SER A 151 -17.32 -13.14 23.06
N PRO A 152 -17.06 -13.89 24.16
CA PRO A 152 -17.08 -15.33 24.07
C PRO A 152 -18.41 -15.88 23.58
N SER A 153 -19.54 -15.19 23.86
CA SER A 153 -20.83 -15.68 23.40
C SER A 153 -20.96 -15.60 21.88
N ASP A 154 -20.09 -14.82 21.23
CA ASP A 154 -20.11 -14.69 19.78
C ASP A 154 -19.04 -15.51 19.08
N GLU A 155 -18.33 -16.36 19.83
CA GLU A 155 -17.28 -17.15 19.20
C GLU A 155 -17.85 -18.11 18.15
N THR A 156 -18.97 -18.77 18.45
CA THR A 156 -19.53 -19.69 17.49
C THR A 156 -19.91 -18.95 16.20
N ALA A 157 -20.46 -17.74 16.34
CA ALA A 157 -20.79 -16.90 15.20
C ALA A 157 -19.52 -16.55 14.38
N PHE A 158 -18.46 -16.16 15.06
CA PHE A 158 -17.21 -15.85 14.38
C PHE A 158 -16.74 -17.05 13.56
N ASN A 159 -16.84 -18.27 14.14
CA ASN A 159 -16.46 -19.45 13.41
C ASN A 159 -17.29 -19.64 12.15
N ARG A 160 -18.60 -19.34 12.24
CA ARG A 160 -19.46 -19.42 11.08
C ARG A 160 -19.00 -18.44 10.00
N LEU A 161 -18.66 -17.21 10.39
CA LEU A 161 -18.14 -16.23 9.44
C LEU A 161 -16.92 -16.78 8.73
N LEU A 162 -15.97 -17.32 9.49
CA LEU A 162 -14.75 -17.84 8.87
C LEU A 162 -15.10 -18.91 7.84
N ALA A 163 -16.02 -19.82 8.18
CA ALA A 163 -16.34 -20.87 7.24
C ALA A 163 -16.95 -20.29 5.95
N GLU A 164 -17.79 -19.26 6.07
CA GLU A 164 -18.34 -18.62 4.88
C GLU A 164 -17.24 -18.05 4.01
N LEU A 165 -16.34 -17.26 4.59
CA LEU A 165 -15.30 -16.65 3.78
C LEU A 165 -14.37 -17.71 3.17
N ARG A 166 -14.01 -18.73 3.95
CA ARG A 166 -13.08 -19.73 3.45
C ARG A 166 -13.68 -20.57 2.30
N ALA A 167 -15.00 -20.57 2.15
CA ALA A 167 -15.67 -21.25 1.04
C ALA A 167 -15.78 -20.38 -0.21
N SER A 168 -15.34 -19.12 -0.18
CA SER A 168 -15.60 -18.16 -1.23
C SER A 168 -14.57 -18.26 -2.35
N VAL A 169 -14.90 -17.65 -3.48
CA VAL A 169 -13.98 -17.58 -4.61
C VAL A 169 -12.67 -16.87 -4.23
N GLU A 170 -12.76 -15.81 -3.43
CA GLU A 170 -11.59 -15.05 -3.00
C GLU A 170 -10.56 -15.98 -2.36
N TRP A 171 -11.05 -16.94 -1.56
CA TRP A 171 -10.16 -17.81 -0.82
C TRP A 171 -9.46 -18.85 -1.69
N GLN A 172 -9.86 -18.97 -2.97
CA GLN A 172 -9.09 -19.78 -3.91
C GLN A 172 -7.69 -19.25 -4.11
N TYR A 173 -7.45 -17.97 -3.77
CA TYR A 173 -6.17 -17.33 -3.95
C TYR A 173 -5.36 -17.26 -2.66
N VAL A 174 -5.91 -17.74 -1.55
CA VAL A 174 -5.22 -17.69 -0.27
C VAL A 174 -4.30 -18.91 -0.18
N ASP A 175 -3.00 -18.67 -0.07
CA ASP A 175 -2.03 -19.76 -0.02
C ASP A 175 -1.35 -19.89 1.34
N ARG A 176 -1.66 -19.01 2.30
CA ARG A 176 -1.27 -19.19 3.69
C ARG A 176 -2.33 -18.52 4.56
N GLU A 177 -2.71 -19.22 5.62
CA GLU A 177 -3.64 -18.69 6.60
C GLU A 177 -3.38 -19.39 7.91
N ILE A 178 -3.17 -18.61 8.96
CA ILE A 178 -3.04 -19.12 10.31
C ILE A 178 -4.09 -18.42 11.15
N ASP A 179 -4.72 -19.13 12.08
CA ASP A 179 -5.80 -18.54 12.86
C ASP A 179 -5.47 -18.70 14.34
N ILE A 180 -5.04 -17.61 14.96
CA ILE A 180 -4.62 -17.61 16.36
C ILE A 180 -5.74 -17.04 17.21
N ARG A 181 -6.17 -17.78 18.24
CA ARG A 181 -7.23 -17.32 19.13
C ARG A 181 -6.64 -16.93 20.47
N LEU A 182 -7.15 -15.80 20.99
CA LEU A 182 -6.64 -15.13 22.16
C LEU A 182 -7.77 -14.86 23.14
N VAL A 183 -7.42 -14.78 24.42
CA VAL A 183 -8.34 -14.25 25.44
C VAL A 183 -7.60 -13.20 26.23
N HIS A 184 -8.28 -12.10 26.54
CA HIS A 184 -7.65 -11.01 27.25
C HIS A 184 -7.40 -11.41 28.70
N GLU A 185 -6.24 -11.04 29.21
CA GLU A 185 -5.95 -11.24 30.62
C GLU A 185 -6.95 -10.47 31.49
N PRO A 186 -7.21 -10.94 32.72
CA PRO A 186 -8.19 -10.30 33.60
C PRO A 186 -7.80 -8.94 34.20
N THR B 3 12.95 -6.76 -8.36
CA THR B 3 13.12 -5.79 -7.26
C THR B 3 11.94 -4.83 -7.29
N ARG B 4 11.32 -4.60 -6.12
CA ARG B 4 10.23 -3.64 -6.00
C ARG B 4 10.63 -2.33 -5.31
N VAL B 5 11.61 -2.39 -4.40
CA VAL B 5 11.99 -1.26 -3.59
C VAL B 5 13.10 -0.48 -4.27
N PHE B 6 12.92 0.84 -4.34
CA PHE B 6 13.91 1.72 -4.88
C PHE B 6 14.13 2.89 -3.94
N THR B 7 15.39 3.34 -3.87
CA THR B 7 15.75 4.47 -3.04
C THR B 7 16.47 5.50 -3.89
N PHE B 8 15.98 6.73 -3.83
CA PHE B 8 16.48 7.85 -4.60
C PHE B 8 17.28 8.74 -3.66
N ALA B 9 18.59 8.85 -3.91
CA ALA B 9 19.49 9.63 -3.06
C ALA B 9 19.86 10.89 -3.81
N GLY B 10 19.51 12.05 -3.26
CA GLY B 10 19.93 13.31 -3.81
C GLY B 10 21.17 13.78 -3.07
N GLY B 11 22.22 14.14 -3.81
CA GLY B 11 23.46 14.54 -3.14
C GLY B 11 24.57 14.78 -4.14
N GLU B 12 25.79 14.54 -3.68
CA GLU B 12 26.97 14.96 -4.42
C GLU B 12 27.41 13.94 -5.47
N THR B 13 26.88 12.71 -5.42
CA THR B 13 27.29 11.64 -6.32
C THR B 13 26.07 10.99 -6.96
N GLY B 14 26.23 10.49 -8.17
CA GLY B 14 25.19 9.73 -8.84
C GLY B 14 25.31 9.84 -10.36
N VAL B 15 24.72 8.87 -11.06
CA VAL B 15 24.83 8.86 -12.52
C VAL B 15 23.91 9.89 -13.18
N TRP B 16 22.94 10.45 -12.46
CA TRP B 16 22.04 11.45 -13.01
C TRP B 16 22.47 12.83 -12.55
N ARG B 17 22.67 13.72 -13.51
CA ARG B 17 22.94 15.12 -13.22
C ARG B 17 21.62 15.86 -13.08
N VAL B 18 21.46 16.62 -11.98
CA VAL B 18 20.27 17.42 -11.78
C VAL B 18 20.42 18.71 -12.56
N VAL B 19 19.46 18.99 -13.44
CA VAL B 19 19.49 20.18 -14.24
C VAL B 19 18.39 21.17 -13.88
N ALA B 20 17.40 20.76 -13.09
CA ALA B 20 16.36 21.69 -12.63
C ALA B 20 15.72 21.09 -11.38
N MET B 21 15.29 21.93 -10.44
CA MET B 21 14.45 21.49 -9.31
CA MET B 21 14.49 21.51 -9.30
C MET B 21 13.51 22.63 -8.97
N ASN B 22 12.24 22.29 -8.92
CA ASN B 22 11.21 23.26 -8.63
C ASN B 22 10.16 22.64 -7.76
N ALA B 23 9.83 23.34 -6.68
CA ALA B 23 8.69 22.98 -5.87
C ALA B 23 7.43 23.50 -6.52
N VAL B 24 6.73 22.66 -7.26
CA VAL B 24 5.53 23.02 -7.96
C VAL B 24 4.42 23.33 -6.97
N ALA B 25 4.36 22.54 -5.90
CA ALA B 25 3.42 22.74 -4.81
C ALA B 25 4.14 22.43 -3.51
N GLY B 26 3.83 23.22 -2.48
CA GLY B 26 4.32 22.94 -1.16
C GLY B 26 5.79 23.32 -0.98
N ALA B 27 6.34 22.80 0.10
CA ALA B 27 7.68 23.20 0.55
C ALA B 27 8.78 22.62 -0.31
N PRO B 28 9.84 23.40 -0.58
CA PRO B 28 10.91 22.88 -1.41
C PRO B 28 11.69 21.76 -0.73
N LEU B 29 12.32 20.95 -1.57
CA LEU B 29 13.35 20.02 -1.15
C LEU B 29 14.70 20.67 -1.36
N PRO B 30 15.71 20.32 -0.54
CA PRO B 30 17.05 20.89 -0.72
C PRO B 30 17.61 20.61 -2.11
N GLY B 31 18.19 21.65 -2.70
CA GLY B 31 18.85 21.49 -3.99
C GLY B 31 20.08 20.62 -3.86
N ILE B 32 20.30 19.81 -4.90
CA ILE B 32 21.41 18.87 -4.97
C ILE B 32 21.89 18.81 -6.42
N PRO B 33 23.17 18.43 -6.62
CA PRO B 33 23.68 18.36 -7.98
C PRO B 33 23.47 17.04 -8.71
N ARG B 34 23.31 15.93 -7.95
CA ARG B 34 23.28 14.59 -8.53
C ARG B 34 22.20 13.76 -7.87
N LEU B 35 21.76 12.72 -8.59
CA LEU B 35 20.78 11.77 -8.10
C LEU B 35 21.27 10.36 -8.39
N ASN B 36 21.10 9.48 -7.39
CA ASN B 36 21.43 8.07 -7.49
C ASN B 36 20.17 7.27 -7.24
N VAL B 37 19.97 6.19 -7.98
CA VAL B 37 18.85 5.28 -7.78
C VAL B 37 19.39 3.92 -7.40
N ALA B 38 19.02 3.42 -6.23
CA ALA B 38 19.47 2.12 -5.76
C ALA B 38 18.29 1.18 -5.63
N ALA B 39 18.49 -0.10 -5.98
CA ALA B 39 17.48 -1.14 -5.87
C ALA B 39 17.63 -1.91 -4.56
N GLY B 40 16.50 -2.29 -3.97
CA GLY B 40 16.43 -3.27 -2.88
C GLY B 40 16.19 -2.66 -1.49
N SER B 41 15.97 -3.52 -0.50
CA SER B 41 15.55 -3.11 0.82
C SER B 41 16.70 -2.80 1.79
N VAL B 42 17.95 -3.12 1.42
CA VAL B 42 19.08 -2.98 2.34
C VAL B 42 20.24 -2.24 1.67
N SER B 43 19.91 -1.28 0.80
CA SER B 43 20.92 -0.56 0.06
C SER B 43 21.66 0.44 0.95
N PRO B 44 22.92 0.72 0.61
CA PRO B 44 23.70 1.70 1.36
C PRO B 44 23.33 3.12 0.98
N GLN B 45 23.66 4.03 1.88
CA GLN B 45 23.53 5.45 1.59
C GLN B 45 24.78 5.89 0.83
N PRO B 46 24.68 6.44 -0.40
CA PRO B 46 25.86 6.91 -1.12
C PRO B 46 26.58 8.01 -0.33
N PRO B 47 27.89 8.18 -0.60
CA PRO B 47 28.66 9.25 0.03
C PRO B 47 28.10 10.61 -0.40
N GLY B 48 28.04 11.54 0.57
CA GLY B 48 27.60 12.91 0.29
C GLY B 48 26.11 13.06 0.01
N THR B 49 25.29 12.17 0.56
CA THR B 49 23.84 12.20 0.42
C THR B 49 23.23 13.31 1.28
N LYS B 50 22.36 14.11 0.66
CA LYS B 50 21.62 15.16 1.34
C LYS B 50 20.23 14.66 1.78
N TRP B 51 19.55 13.88 0.93
CA TRP B 51 18.26 13.33 1.28
C TRP B 51 18.08 12.00 0.56
N LEU B 52 17.18 11.18 1.11
CA LEU B 52 16.90 9.83 0.63
CA LEU B 52 16.93 9.84 0.65
C LEU B 52 15.41 9.65 0.62
N LEU B 53 14.85 9.26 -0.54
CA LEU B 53 13.42 8.99 -0.66
C LEU B 53 13.24 7.55 -1.13
N ARG B 54 12.42 6.78 -0.43
CA ARG B 54 12.20 5.37 -0.76
C ARG B 54 10.74 5.17 -1.16
N GLY B 55 10.55 4.28 -2.13
CA GLY B 55 9.21 3.83 -2.51
C GLY B 55 9.26 2.41 -3.04
N ILE B 56 8.07 1.83 -3.22
CA ILE B 56 7.97 0.44 -3.64
C ILE B 56 6.97 0.35 -4.78
N THR B 57 7.31 -0.40 -5.82
CA THR B 57 6.31 -0.69 -6.84
C THR B 57 5.27 -1.64 -6.24
N SER B 58 4.04 -1.55 -6.72
CA SER B 58 2.98 -2.29 -6.07
C SER B 58 1.93 -2.73 -7.07
N ASN B 59 0.91 -3.42 -6.56
CA ASN B 59 -0.19 -3.85 -7.39
C ASN B 59 -1.02 -2.65 -7.86
N GLU B 60 -1.73 -2.85 -8.96
CA GLU B 60 -2.62 -1.84 -9.50
C GLU B 60 -3.75 -1.54 -8.53
N ARG B 61 -4.04 -0.27 -8.43
CA ARG B 61 -5.10 0.24 -7.56
C ARG B 61 -6.31 0.74 -8.32
N TYR B 62 -6.12 1.09 -9.59
CA TYR B 62 -7.17 1.71 -10.40
C TYR B 62 -7.33 1.08 -11.77
N VAL B 63 -6.23 0.71 -12.41
CA VAL B 63 -6.25 0.24 -13.79
C VAL B 63 -7.17 -0.96 -13.95
N VAL B 64 -8.01 -0.90 -14.98
CA VAL B 64 -8.83 -2.04 -15.33
C VAL B 64 -8.17 -2.80 -16.49
N ARG B 65 -8.58 -4.07 -16.70
CA ARG B 65 -7.89 -4.91 -17.67
C ARG B 65 -7.79 -4.24 -19.05
N GLU B 66 -8.88 -3.60 -19.51
CA GLU B 66 -8.88 -3.01 -20.83
C GLU B 66 -7.82 -1.89 -20.94
N GLU B 67 -7.68 -1.12 -19.84
CA GLU B 67 -6.66 -0.07 -19.79
C GLU B 67 -5.27 -0.69 -19.78
N LYS B 68 -5.09 -1.75 -18.98
CA LYS B 68 -3.81 -2.43 -18.91
C LYS B 68 -3.38 -2.87 -20.31
N ASP B 69 -4.33 -3.45 -21.05
CA ASP B 69 -3.97 -3.94 -22.38
C ASP B 69 -3.51 -2.80 -23.30
N ARG B 70 -4.14 -1.63 -23.20
CA ARG B 70 -3.71 -0.48 -23.97
C ARG B 70 -2.30 -0.03 -23.57
N LEU B 71 -2.02 -0.02 -22.27
CA LEU B 71 -0.70 0.39 -21.78
C LEU B 71 0.39 -0.59 -22.26
N VAL B 72 0.11 -1.89 -22.17
CA VAL B 72 1.08 -2.89 -22.60
C VAL B 72 1.44 -2.70 -24.06
N ALA B 73 0.44 -2.34 -24.88
CA ALA B 73 0.68 -2.22 -26.31
C ALA B 73 1.58 -1.03 -26.63
N LYS B 74 1.49 0.03 -25.83
CA LYS B 74 2.06 1.31 -26.23
C LYS B 74 3.29 1.74 -25.42
N GLN B 75 3.42 1.32 -24.17
CA GLN B 75 4.41 1.92 -23.27
C GLN B 75 5.83 1.48 -23.62
N PRO B 76 6.82 2.38 -23.51
CA PRO B 76 8.21 2.03 -23.73
C PRO B 76 8.81 1.39 -22.48
N SER B 77 9.98 0.79 -22.66
CA SER B 77 10.78 0.27 -21.56
C SER B 77 11.56 1.39 -20.89
N LEU B 78 11.86 1.18 -19.61
CA LEU B 78 12.86 1.97 -18.90
C LEU B 78 14.24 1.58 -19.46
N GLY B 79 15.19 2.53 -19.44
CA GLY B 79 16.57 2.22 -19.78
C GLY B 79 16.87 2.34 -21.28
N ARG B 80 16.00 2.97 -22.07
CA ARG B 80 16.32 3.12 -23.50
C ARG B 80 17.60 3.93 -23.68
N ALA B 81 18.49 3.52 -24.59
CA ALA B 81 19.71 4.28 -24.89
C ALA B 81 19.44 5.78 -25.05
N GLU B 82 18.42 6.09 -25.88
CA GLU B 82 18.21 7.46 -26.31
C GLU B 82 17.50 8.30 -25.25
N ALA B 83 16.95 7.67 -24.20
CA ALA B 83 16.16 8.39 -23.21
C ALA B 83 17.11 8.90 -22.11
N THR B 84 17.88 9.94 -22.46
CA THR B 84 18.91 10.44 -21.58
C THR B 84 18.40 11.51 -20.61
N CYS B 85 17.15 11.94 -20.78
CA CYS B 85 16.53 12.83 -19.83
C CYS B 85 15.65 12.01 -18.89
N ALA B 86 15.53 12.46 -17.65
CA ALA B 86 14.61 11.83 -16.71
C ALA B 86 14.01 12.89 -15.81
N ALA B 87 12.92 12.50 -15.14
CA ALA B 87 12.31 13.34 -14.13
C ALA B 87 11.94 12.47 -12.95
N LEU B 88 12.23 12.98 -11.74
CA LEU B 88 11.75 12.42 -10.50
C LEU B 88 10.76 13.42 -9.93
N ILE B 89 9.50 12.99 -9.73
CA ILE B 89 8.46 13.88 -9.28
C ILE B 89 7.83 13.23 -8.05
N PRO B 90 8.32 13.58 -6.85
CA PRO B 90 7.70 13.17 -5.61
C PRO B 90 6.40 13.97 -5.40
N ILE B 91 5.33 13.26 -4.98
CA ILE B 91 4.01 13.83 -4.80
C ILE B 91 3.43 13.40 -3.46
N ARG B 92 2.83 14.37 -2.76
CA ARG B 92 2.06 14.09 -1.57
C ARG B 92 0.63 14.56 -1.80
N LYS B 93 -0.32 13.69 -1.46
CA LYS B 93 -1.72 14.03 -1.52
CA LYS B 93 -1.72 14.03 -1.53
C LYS B 93 -2.20 14.73 -0.26
N ASN B 94 -3.24 15.51 -0.41
CA ASN B 94 -3.83 15.98 0.81
CA ASN B 94 -4.09 16.02 0.66
C ASN B 94 -4.48 14.81 1.53
N PRO B 95 -4.50 14.87 2.87
CA PRO B 95 -4.92 13.71 3.64
C PRO B 95 -6.37 13.26 3.40
N SER B 96 -7.25 14.17 3.01
CA SER B 96 -8.63 13.77 2.70
C SER B 96 -8.73 12.75 1.59
N TRP B 97 -7.79 12.78 0.64
CA TRP B 97 -7.80 11.81 -0.45
C TRP B 97 -7.87 10.40 0.10
N TRP B 98 -7.03 10.12 1.11
CA TRP B 98 -6.87 8.76 1.59
C TRP B 98 -8.11 8.26 2.31
N GLY B 99 -8.96 9.16 2.80
CA GLY B 99 -10.20 8.78 3.43
C GLY B 99 -11.36 8.53 2.48
N LEU B 100 -11.21 8.91 1.22
CA LEU B 100 -12.26 8.66 0.23
C LEU B 100 -12.35 7.17 -0.05
N SER B 101 -13.54 6.74 -0.44
CA SER B 101 -13.75 5.35 -0.83
CA SER B 101 -13.77 5.36 -0.85
C SER B 101 -13.15 5.08 -2.21
N GLN B 102 -13.12 3.79 -2.57
CA GLN B 102 -12.43 3.39 -3.80
C GLN B 102 -13.10 3.97 -5.04
N ASP B 103 -14.45 3.92 -5.08
CA ASP B 103 -15.18 4.47 -6.21
C ASP B 103 -14.96 5.97 -6.34
N GLU B 104 -14.92 6.68 -5.20
CA GLU B 104 -14.72 8.11 -5.21
C GLU B 104 -13.37 8.45 -5.83
N ARG B 105 -12.33 7.74 -5.43
CA ARG B 105 -11.00 8.00 -5.98
C ARG B 105 -10.92 7.58 -7.44
N ARG B 106 -11.46 6.43 -7.82
CA ARG B 106 -11.41 6.05 -9.22
C ARG B 106 -12.10 7.09 -10.10
N LYS B 107 -13.24 7.62 -9.61
CA LYS B 107 -13.98 8.62 -10.37
C LYS B 107 -13.10 9.86 -10.59
N ILE B 108 -12.44 10.35 -9.54
CA ILE B 108 -11.62 11.53 -9.69
C ILE B 108 -10.45 11.23 -10.64
N PHE B 109 -9.78 10.10 -10.42
CA PHE B 109 -8.57 9.73 -11.14
C PHE B 109 -8.81 9.58 -12.65
N GLU B 110 -9.82 8.80 -13.03
CA GLU B 110 -9.99 8.49 -14.44
C GLU B 110 -11.25 9.12 -15.03
N GLU B 111 -12.43 8.89 -14.46
CA GLU B 111 -13.64 9.39 -15.11
C GLU B 111 -13.59 10.90 -15.27
N GLN B 112 -13.16 11.61 -14.23
CA GLN B 112 -13.05 13.07 -14.27
C GLN B 112 -11.73 13.53 -14.85
N SER B 113 -10.61 13.04 -14.33
CA SER B 113 -9.31 13.59 -14.67
C SER B 113 -8.70 12.97 -15.92
N ARG B 114 -9.16 11.78 -16.31
CA ARG B 114 -8.69 11.12 -17.52
C ARG B 114 -7.20 10.86 -17.48
N HIS B 115 -6.65 10.50 -16.31
CA HIS B 115 -5.20 10.35 -16.16
C HIS B 115 -4.60 9.39 -17.18
N ILE B 116 -5.16 8.18 -17.26
CA ILE B 116 -4.60 7.17 -18.14
C ILE B 116 -4.82 7.56 -19.60
N HIS B 117 -6.04 8.03 -19.90
CA HIS B 117 -6.36 8.49 -21.23
C HIS B 117 -5.36 9.55 -21.71
N ILE B 118 -5.06 10.51 -20.85
CA ILE B 118 -4.08 11.53 -21.17
C ILE B 118 -2.69 10.92 -21.32
N GLY B 119 -2.27 10.17 -20.32
CA GLY B 119 -0.93 9.60 -20.37
C GLY B 119 -0.65 8.81 -21.63
N LEU B 120 -1.66 8.03 -22.07
CA LEU B 120 -1.51 7.20 -23.26
C LEU B 120 -1.10 8.04 -24.46
N GLN B 121 -1.49 9.32 -24.48
CA GLN B 121 -1.18 10.18 -25.62
C GLN B 121 0.30 10.55 -25.70
N TYR B 122 1.09 10.22 -24.66
CA TYR B 122 2.51 10.56 -24.57
C TYR B 122 3.39 9.33 -24.59
N LEU B 123 2.82 8.20 -25.02
CA LEU B 123 3.55 6.98 -25.26
C LEU B 123 3.64 6.81 -26.76
N PRO B 124 4.76 6.31 -27.33
CA PRO B 124 5.89 5.75 -26.57
C PRO B 124 6.97 6.74 -26.13
N ALA B 125 6.74 8.06 -26.25
CA ALA B 125 7.79 9.01 -25.87
C ALA B 125 8.24 8.79 -24.42
N VAL B 126 7.28 8.69 -23.48
CA VAL B 126 7.61 8.79 -22.07
C VAL B 126 7.52 7.43 -21.41
N ALA B 127 8.65 6.99 -20.82
CA ALA B 127 8.69 5.80 -19.95
C ALA B 127 8.42 6.23 -18.52
N ARG B 128 7.85 5.31 -17.73
CA ARG B 128 7.39 5.68 -16.39
C ARG B 128 7.56 4.52 -15.41
N ARG B 129 7.66 4.89 -14.13
CA ARG B 129 7.54 3.92 -13.05
C ARG B 129 6.93 4.62 -11.84
N LEU B 130 5.95 3.96 -11.25
CA LEU B 130 5.22 4.44 -10.08
C LEU B 130 5.73 3.72 -8.83
N HIS B 131 6.11 4.50 -7.81
CA HIS B 131 6.52 3.94 -6.53
C HIS B 131 5.58 4.49 -5.46
N HIS B 132 5.11 3.60 -4.59
CA HIS B 132 4.23 3.95 -3.48
C HIS B 132 5.04 4.08 -2.20
N CYS B 133 4.74 5.12 -1.40
CA CYS B 133 5.47 5.35 -0.17
C CYS B 133 4.65 5.17 1.09
N ARG B 134 3.32 5.30 1.02
CA ARG B 134 2.56 5.52 2.25
C ARG B 134 2.41 4.26 3.10
N ASP B 135 2.69 3.08 2.55
CA ASP B 135 2.53 1.85 3.29
C ASP B 135 3.86 1.13 3.55
N LEU B 136 4.96 1.88 3.50
CA LEU B 136 6.28 1.37 3.87
C LEU B 136 6.36 1.27 5.39
N GLY B 137 7.33 0.59 5.93
CA GLY B 137 7.34 0.62 7.42
C GLY B 137 7.74 1.96 8.08
N GLU B 138 8.33 2.86 7.30
CA GLU B 138 9.10 3.99 7.76
C GLU B 138 8.51 5.25 7.13
N ASN B 139 8.46 6.32 7.88
CA ASN B 139 7.87 7.57 7.46
C ASN B 139 8.55 8.12 6.19
N GLU B 140 7.75 8.50 5.21
CA GLU B 140 8.23 9.16 4.00
C GLU B 140 7.48 10.47 3.86
N PRO B 141 8.15 11.54 3.35
CA PRO B 141 7.50 12.84 3.21
C PRO B 141 6.55 12.92 2.02
N PHE B 142 6.66 11.99 1.07
CA PHE B 142 5.77 11.97 -0.07
C PHE B 142 4.97 10.68 -0.04
N ASP B 143 3.86 10.68 -0.79
CA ASP B 143 3.05 9.48 -0.98
C ASP B 143 3.48 8.66 -2.19
N PHE B 144 4.02 9.31 -3.22
CA PHE B 144 4.44 8.62 -4.43
C PHE B 144 5.77 9.21 -4.87
N LEU B 145 6.59 8.35 -5.46
CA LEU B 145 7.75 8.80 -6.22
C LEU B 145 7.47 8.37 -7.65
N THR B 146 7.33 9.35 -8.56
CA THR B 146 7.07 9.04 -9.95
C THR B 146 8.35 9.32 -10.72
N TRP B 147 8.69 8.39 -11.61
CA TRP B 147 9.94 8.43 -12.36
C TRP B 147 9.64 8.33 -13.84
N PHE B 148 10.27 9.18 -14.64
CA PHE B 148 10.02 9.23 -16.07
C PHE B 148 11.34 9.33 -16.82
N GLU B 149 11.36 8.79 -18.04
CA GLU B 149 12.52 8.88 -18.92
C GLU B 149 12.07 9.18 -20.33
N TYR B 150 12.84 10.02 -21.03
CA TYR B 150 12.49 10.45 -22.38
C TYR B 150 13.72 11.01 -23.07
N SER B 151 13.65 11.04 -24.40
CA SER B 151 14.68 11.69 -25.19
C SER B 151 14.61 13.21 -25.02
N PRO B 152 15.73 13.92 -25.27
CA PRO B 152 15.70 15.38 -25.24
C PRO B 152 14.61 15.98 -26.12
N SER B 153 14.42 15.42 -27.31
CA SER B 153 13.43 15.99 -28.22
C SER B 153 11.99 15.79 -27.75
N ASP B 154 11.79 14.93 -26.75
CA ASP B 154 10.47 14.69 -26.21
C ASP B 154 10.22 15.45 -24.92
N GLU B 155 11.17 16.29 -24.51
CA GLU B 155 11.01 17.05 -23.29
C GLU B 155 9.80 17.99 -23.32
N THR B 156 9.59 18.69 -24.44
CA THR B 156 8.45 19.59 -24.47
C THR B 156 7.14 18.80 -24.43
N ALA B 157 7.09 17.59 -25.00
CA ALA B 157 5.89 16.76 -24.88
C ALA B 157 5.69 16.38 -23.41
N PHE B 158 6.76 16.00 -22.70
CA PHE B 158 6.61 15.69 -21.29
C PHE B 158 6.07 16.88 -20.51
N ASN B 159 6.59 18.08 -20.79
CA ASN B 159 6.12 19.27 -20.10
C ASN B 159 4.64 19.50 -20.40
N ARG B 160 4.21 19.22 -21.63
CA ARG B 160 2.81 19.39 -21.98
C ARG B 160 1.91 18.39 -21.21
N LEU B 161 2.36 17.15 -21.12
CA LEU B 161 1.69 16.14 -20.29
C LEU B 161 1.51 16.68 -18.86
N LEU B 162 2.58 17.20 -18.27
CA LEU B 162 2.48 17.69 -16.92
C LEU B 162 1.46 18.82 -16.82
N ALA B 163 1.45 19.74 -17.80
CA ALA B 163 0.48 20.82 -17.78
C ALA B 163 -0.95 20.25 -17.79
N GLU B 164 -1.19 19.23 -18.60
CA GLU B 164 -2.52 18.65 -18.71
C GLU B 164 -2.90 18.03 -17.37
N LEU B 165 -2.02 17.23 -16.77
CA LEU B 165 -2.35 16.59 -15.50
C LEU B 165 -2.50 17.62 -14.38
N ARG B 166 -1.65 18.64 -14.35
CA ARG B 166 -1.72 19.61 -13.26
C ARG B 166 -2.99 20.45 -13.30
N ALA B 167 -3.67 20.51 -14.45
CA ALA B 167 -4.95 21.20 -14.59
C ALA B 167 -6.14 20.31 -14.20
N SER B 168 -5.93 19.03 -13.91
CA SER B 168 -7.01 18.09 -13.69
C SER B 168 -7.59 18.19 -12.27
N VAL B 169 -8.81 17.66 -12.11
CA VAL B 169 -9.46 17.57 -10.80
C VAL B 169 -8.56 16.86 -9.80
N GLU B 170 -7.95 15.77 -10.24
CA GLU B 170 -7.12 15.00 -9.36
C GLU B 170 -6.03 15.86 -8.70
N TRP B 171 -5.49 16.81 -9.47
CA TRP B 171 -4.39 17.61 -8.96
C TRP B 171 -4.84 18.63 -7.91
N GLN B 172 -6.14 18.86 -7.71
CA GLN B 172 -6.57 19.65 -6.58
C GLN B 172 -6.12 19.02 -5.27
N TYR B 173 -5.92 17.70 -5.28
CA TYR B 173 -5.56 16.94 -4.08
C TYR B 173 -4.05 16.81 -3.90
N VAL B 174 -3.24 17.42 -4.78
CA VAL B 174 -1.79 17.38 -4.64
C VAL B 174 -1.36 18.55 -3.76
N ASP B 175 -0.81 18.25 -2.59
CA ASP B 175 -0.36 19.29 -1.70
CA ASP B 175 -0.39 19.27 -1.65
C ASP B 175 1.14 19.52 -1.68
N ARG B 176 1.92 18.57 -2.18
CA ARG B 176 3.34 18.79 -2.34
C ARG B 176 3.77 18.07 -3.61
N GLU B 177 4.55 18.77 -4.43
CA GLU B 177 5.02 18.21 -5.68
C GLU B 177 6.34 18.89 -6.00
N ILE B 178 7.40 18.08 -6.12
CA ILE B 178 8.72 18.57 -6.49
C ILE B 178 9.04 18.00 -7.84
N ASP B 179 9.50 18.85 -8.76
CA ASP B 179 9.81 18.40 -10.10
C ASP B 179 11.31 18.52 -10.32
N ILE B 180 11.97 17.37 -10.35
CA ILE B 180 13.43 17.27 -10.48
C ILE B 180 13.74 16.76 -11.88
N ARG B 181 14.53 17.50 -12.65
CA ARG B 181 14.90 17.09 -13.99
C ARG B 181 16.37 16.66 -13.98
N LEU B 182 16.62 15.59 -14.72
CA LEU B 182 17.90 14.91 -14.75
C LEU B 182 18.38 14.72 -16.19
N VAL B 183 19.69 14.67 -16.36
CA VAL B 183 20.31 14.22 -17.59
C VAL B 183 21.35 13.16 -17.23
N HIS B 184 21.31 12.06 -17.96
CA HIS B 184 22.22 10.98 -17.63
C HIS B 184 23.66 11.40 -17.92
N GLU B 185 24.58 10.98 -17.04
CA GLU B 185 26.00 11.22 -17.31
C GLU B 185 26.35 10.61 -18.68
N PRO B 186 27.29 11.21 -19.43
CA PRO B 186 27.80 10.58 -20.64
C PRO B 186 28.47 9.24 -20.31
#